data_6C2F
#
_entry.id   6C2F
#
_cell.length_a   40.510
_cell.length_b   40.600
_cell.length_c   202.380
_cell.angle_alpha   90.070
_cell.angle_beta   93.110
_cell.angle_gamma   119.750
#
_symmetry.space_group_name_H-M   'P 1'
#
loop_
_entity.id
_entity.type
_entity.pdbx_description
1 polymer 'Methyl-CpG-binding domain protein 2'
2 polymer '12-mer DNA'
3 polymer '12-mer DNA'
4 non-polymer 'UNKNOWN LIGAND'
#
loop_
_entity_poly.entity_id
_entity_poly.type
_entity_poly.pdbx_seq_one_letter_code
_entity_poly.pdbx_strand_id
1 'polypeptide(L)' GATESGKRMDCPALPPGWKKEEVIRKSGLSAGKSDVYYFSPSGKKFRSKPQLARYLGNTVDLSSFDFRTGKMMPSKLQK A,D,G,J,M,P
2 'polydeoxyribonucleotide' (DG)(DA)(DG)(DA)(DC)(5CM)(DG)(DG)(DT)(DA)(DG)(DC) B,E,H,K,N,Q
3 'polydeoxyribonucleotide' (DG)(DC)(DT)(DA)(DC)(DC)(DG)(DG)(DT)(DC)(DT)(DC) C,F,I,L,O,R
#
loop_
_chem_comp.id
_chem_comp.type
_chem_comp.name
_chem_comp.formula
5CM DNA linking 5-METHYL-2'-DEOXY-CYTIDINE-5'-MONOPHOSPHATE 'C10 H16 N3 O7 P'
DA DNA linking 2'-DEOXYADENOSINE-5'-MONOPHOSPHATE 'C10 H14 N5 O6 P'
DC DNA linking 2'-DEOXYCYTIDINE-5'-MONOPHOSPHATE 'C9 H14 N3 O7 P'
DG DNA linking 2'-DEOXYGUANOSINE-5'-MONOPHOSPHATE 'C10 H14 N5 O7 P'
DT DNA linking THYMIDINE-5'-MONOPHOSPHATE 'C10 H15 N2 O8 P'
UNX non-polymer 'UNKNOWN ATOM OR ION' ?
#
# COMPACT_ATOMS: atom_id res chain seq x y z
CA GLY A 6 -59.63 12.95 50.21
C GLY A 6 -59.08 12.91 51.62
N LYS A 7 -58.61 14.06 52.10
CA LYS A 7 -58.05 14.18 53.45
C LYS A 7 -58.65 15.44 54.09
N ARG A 8 -59.76 15.24 54.81
CA ARG A 8 -60.41 16.31 55.57
C ARG A 8 -59.80 16.33 56.96
N MET A 9 -59.01 17.35 57.27
CA MET A 9 -58.40 17.48 58.58
C MET A 9 -59.29 18.32 59.47
N ASP A 10 -59.22 18.07 60.78
CA ASP A 10 -59.99 18.88 61.71
C ASP A 10 -59.48 20.33 61.68
N CYS A 11 -60.36 21.26 62.04
CA CYS A 11 -60.01 22.68 62.04
C CYS A 11 -60.26 23.27 63.43
N PRO A 12 -59.23 23.35 64.27
CA PRO A 12 -59.44 23.73 65.68
C PRO A 12 -59.85 25.18 65.86
N ALA A 13 -59.60 26.05 64.89
CA ALA A 13 -59.99 27.45 65.04
C ALA A 13 -61.50 27.62 65.02
N LEU A 14 -62.24 26.62 64.54
CA LEU A 14 -63.69 26.60 64.43
C LEU A 14 -64.30 25.70 65.48
N PRO A 15 -65.62 25.83 65.70
CA PRO A 15 -66.33 24.97 66.67
C PRO A 15 -66.08 23.49 66.41
N PRO A 16 -66.27 22.65 67.42
CA PRO A 16 -65.99 21.22 67.25
C PRO A 16 -66.76 20.59 66.10
N GLY A 17 -66.06 19.73 65.35
CA GLY A 17 -66.66 18.97 64.27
C GLY A 17 -66.43 19.52 62.88
N TRP A 18 -65.80 20.69 62.76
CA TRP A 18 -65.52 21.29 61.47
C TRP A 18 -64.24 20.71 60.88
N LYS A 19 -64.25 20.47 59.58
CA LYS A 19 -63.08 19.91 58.90
C LYS A 19 -62.71 20.82 57.73
N LYS A 20 -61.42 20.86 57.41
CA LYS A 20 -60.87 21.67 56.32
C LYS A 20 -60.19 20.76 55.30
N GLU A 21 -60.46 21.02 54.01
CA GLU A 21 -59.86 20.27 52.91
C GLU A 21 -59.35 21.23 51.84
N GLU A 22 -58.12 21.00 51.38
CA GLU A 22 -57.50 21.76 50.31
C GLU A 22 -57.39 20.87 49.08
N VAL A 23 -57.76 21.40 47.91
CA VAL A 23 -57.77 20.60 46.67
C VAL A 23 -56.90 21.29 45.64
N ILE A 24 -55.93 20.54 45.09
CA ILE A 24 -55.07 21.04 44.01
C ILE A 24 -55.79 20.96 42.67
N ARG A 25 -55.75 22.05 41.89
CA ARG A 25 -56.39 22.05 40.57
C ARG A 25 -55.54 21.24 39.59
N LYS A 26 -56.19 20.30 38.90
CA LYS A 26 -55.50 19.26 38.15
C LYS A 26 -55.32 19.60 36.68
N SER A 27 -56.12 20.51 36.14
CA SER A 27 -56.09 20.77 34.72
C SER A 27 -56.44 22.23 34.47
N GLY A 28 -56.23 22.66 33.24
CA GLY A 28 -56.51 24.03 32.85
C GLY A 28 -55.34 24.98 33.08
N LEU A 29 -55.60 26.26 32.77
CA LEU A 29 -54.56 27.27 32.90
C LEU A 29 -54.18 27.50 34.37
N SER A 30 -55.15 27.37 35.28
CA SER A 30 -54.88 27.52 36.70
C SER A 30 -54.54 26.21 37.37
N ALA A 31 -54.22 25.16 36.61
CA ALA A 31 -53.78 23.92 37.20
C ALA A 31 -52.59 24.17 38.10
N GLY A 32 -52.61 23.58 39.29
CA GLY A 32 -51.59 23.80 40.29
C GLY A 32 -52.10 24.59 41.47
N LYS A 33 -52.96 25.57 41.23
CA LYS A 33 -53.60 26.34 42.29
C LYS A 33 -54.51 25.44 43.12
N SER A 34 -54.86 25.91 44.31
CA SER A 34 -55.68 25.12 45.22
C SER A 34 -56.94 25.86 45.62
N ASP A 35 -58.00 25.10 45.87
CA ASP A 35 -59.25 25.61 46.40
C ASP A 35 -59.43 25.05 47.82
N VAL A 36 -59.88 25.88 48.75
CA VAL A 36 -60.04 25.44 50.13
C VAL A 36 -61.52 25.34 50.43
N TYR A 37 -61.90 24.24 51.12
CA TYR A 37 -63.28 23.94 51.46
C TYR A 37 -63.39 23.59 52.95
N TYR A 38 -64.54 23.93 53.53
CA TYR A 38 -64.87 23.58 54.90
C TYR A 38 -66.09 22.69 54.97
N PHE A 39 -66.17 21.91 56.04
CA PHE A 39 -67.24 20.93 56.23
C PHE A 39 -67.78 21.06 57.65
N SER A 40 -69.07 21.32 57.75
CA SER A 40 -69.77 21.39 59.02
C SER A 40 -70.02 19.98 59.57
N PRO A 41 -70.32 19.88 60.87
CA PRO A 41 -70.68 18.56 61.41
C PRO A 41 -71.78 17.88 60.62
N SER A 42 -72.78 18.62 60.15
CA SER A 42 -73.82 18.06 59.29
C SER A 42 -73.26 17.53 57.96
N GLY A 43 -72.03 17.89 57.60
CA GLY A 43 -71.47 17.45 56.34
C GLY A 43 -71.62 18.46 55.22
N LYS A 44 -72.17 19.64 55.50
CA LYS A 44 -72.35 20.68 54.51
C LYS A 44 -71.01 21.22 54.05
N LYS A 45 -70.91 21.52 52.76
CA LYS A 45 -69.68 21.99 52.16
C LYS A 45 -69.77 23.51 52.00
N PHE A 46 -68.75 24.22 52.45
CA PHE A 46 -68.67 25.68 52.33
C PHE A 46 -67.41 26.02 51.58
N ARG A 47 -67.45 27.09 50.80
CA ARG A 47 -66.27 27.42 50.02
C ARG A 47 -65.88 28.91 50.12
N SER A 48 -66.45 29.63 51.06
CA SER A 48 -66.12 31.03 51.19
C SER A 48 -66.42 31.44 52.62
N LYS A 49 -65.68 32.45 53.09
CA LYS A 49 -65.86 33.00 54.43
C LYS A 49 -67.25 33.59 54.64
N PRO A 50 -67.84 34.33 53.69
CA PRO A 50 -69.26 34.73 53.85
C PRO A 50 -70.22 33.56 53.96
N GLN A 51 -70.09 32.53 53.11
CA GLN A 51 -70.95 31.36 53.29
C GLN A 51 -70.86 30.90 54.75
N LEU A 52 -69.63 30.80 55.25
CA LEU A 52 -69.38 30.30 56.59
C LEU A 52 -70.00 31.23 57.63
N ALA A 53 -69.90 32.55 57.40
CA ALA A 53 -70.45 33.51 58.36
C ALA A 53 -71.98 33.41 58.44
N ARG A 54 -72.65 33.29 57.30
CA ARG A 54 -74.12 33.14 57.32
C ARG A 54 -74.54 31.90 58.08
N TYR A 55 -73.75 30.82 58.02
CA TYR A 55 -74.19 29.56 58.60
C TYR A 55 -73.92 29.49 60.10
N LEU A 56 -72.85 30.11 60.58
CA LEU A 56 -72.57 30.12 62.01
C LEU A 56 -73.27 31.24 62.75
N GLY A 57 -73.70 32.27 62.03
CA GLY A 57 -74.25 33.47 62.65
C GLY A 57 -73.32 34.04 63.70
N ASN A 58 -73.87 34.36 64.88
CA ASN A 58 -73.12 35.07 65.92
C ASN A 58 -72.28 34.15 66.82
N THR A 59 -72.24 32.85 66.54
CA THR A 59 -71.45 31.94 67.38
C THR A 59 -69.96 32.20 67.26
N VAL A 60 -69.47 32.66 66.11
CA VAL A 60 -68.04 32.89 66.00
C VAL A 60 -67.79 34.03 65.01
N ASP A 61 -66.88 34.93 65.40
CA ASP A 61 -66.46 36.06 64.57
C ASP A 61 -65.35 35.62 63.63
N LEU A 62 -65.62 35.67 62.32
CA LEU A 62 -64.62 35.29 61.34
C LEU A 62 -63.89 36.49 60.73
N SER A 63 -63.89 37.62 61.41
CA SER A 63 -63.16 38.79 60.91
C SER A 63 -61.66 38.53 60.92
N SER A 64 -61.13 38.04 62.03
CA SER A 64 -59.72 37.69 62.13
C SER A 64 -59.39 36.30 61.57
N PHE A 65 -60.36 35.64 60.94
CA PHE A 65 -60.21 34.26 60.49
C PHE A 65 -59.69 34.21 59.05
N ASP A 66 -58.52 33.61 58.85
CA ASP A 66 -57.95 33.47 57.52
C ASP A 66 -58.44 32.17 56.85
N PHE A 67 -59.19 32.33 55.75
CA PHE A 67 -59.88 31.22 55.12
C PHE A 67 -58.91 30.14 54.63
N ARG A 68 -57.79 30.54 54.03
CA ARG A 68 -56.93 29.53 53.42
C ARG A 68 -56.27 28.65 54.47
N THR A 69 -55.75 29.25 55.55
CA THR A 69 -55.06 28.45 56.54
C THR A 69 -56.01 27.78 57.53
N GLY A 70 -57.16 28.38 57.81
CA GLY A 70 -58.03 27.86 58.85
C GLY A 70 -57.61 28.25 60.25
N LYS A 71 -57.02 29.43 60.40
CA LYS A 71 -56.55 29.91 61.68
C LYS A 71 -57.01 31.35 61.91
N MET A 72 -57.22 31.69 63.18
CA MET A 72 -57.60 33.04 63.62
C MET A 72 -56.38 33.95 63.62
N MET A 73 -56.32 34.90 62.68
CA MET A 73 -55.16 35.77 62.56
C MET A 73 -55.41 37.11 63.26
N PRO A 74 -54.77 37.38 64.42
CA PRO A 74 -54.95 38.66 65.14
C PRO A 74 -54.46 39.88 64.36
N1 5CM B 6 -67.35 32.06 43.07
C2 5CM B 6 -66.52 31.96 41.95
N3 5CM B 6 -65.40 31.22 41.97
C4 5CM B 6 -65.06 30.54 43.07
C5 5CM B 6 -65.91 30.64 44.27
C5A 5CM B 6 -65.61 29.91 45.54
C6 5CM B 6 -67.06 31.42 44.20
O2 5CM B 6 -66.82 32.56 40.91
N4 5CM B 6 -63.95 29.78 43.07
C1' 5CM B 6 -68.57 32.89 43.01
C2' 5CM B 6 -69.76 32.32 43.78
C3' 5CM B 6 -70.68 33.52 43.81
C4' 5CM B 6 -69.69 34.69 43.90
O4' 5CM B 6 -68.39 34.22 43.53
O3' 5CM B 6 -71.17 33.69 42.49
C5' 5CM B 6 -69.59 35.35 45.26
O5' 5CM B 6 -69.76 34.44 46.31
P 5CM B 6 -69.27 34.84 47.78
OP1 5CM B 6 -70.26 35.84 48.30
OP2 5CM B 6 -69.07 33.60 48.58
N LYS D 7 50.82 -7.62 -26.58
CA LYS D 7 50.16 -7.38 -27.85
C LYS D 7 48.67 -7.08 -27.67
N ARG D 8 48.33 -6.32 -26.63
CA ARG D 8 46.94 -5.94 -26.31
C ARG D 8 46.58 -4.62 -26.99
N MET D 9 45.73 -4.67 -28.01
CA MET D 9 45.28 -3.46 -28.70
C MET D 9 43.98 -2.94 -28.09
N ASP D 10 43.80 -1.61 -28.15
CA ASP D 10 42.57 -1.00 -27.64
C ASP D 10 41.37 -1.40 -28.50
N CYS D 11 40.18 -1.40 -27.90
CA CYS D 11 38.96 -1.81 -28.59
C CYS D 11 37.94 -0.69 -28.42
N PRO D 12 37.80 0.19 -29.41
CA PRO D 12 36.92 1.37 -29.22
C PRO D 12 35.45 1.00 -29.15
N ALA D 13 35.05 -0.18 -29.62
CA ALA D 13 33.65 -0.58 -29.57
C ALA D 13 33.17 -0.83 -28.15
N LEU D 14 34.07 -1.04 -27.20
CA LEU D 14 33.78 -1.30 -25.81
C LEU D 14 34.14 -0.08 -24.94
N PRO D 15 33.69 -0.06 -23.68
CA PRO D 15 34.01 1.07 -22.79
C PRO D 15 35.49 1.38 -22.71
N PRO D 16 35.84 2.60 -22.35
CA PRO D 16 37.25 3.02 -22.32
C PRO D 16 38.09 2.16 -21.39
N GLY D 17 39.24 1.72 -21.91
CA GLY D 17 40.16 0.86 -21.20
C GLY D 17 40.10 -0.61 -21.59
N TRP D 18 39.14 -1.01 -22.43
CA TRP D 18 39.06 -2.40 -22.86
C TRP D 18 40.07 -2.67 -23.98
N LYS D 19 40.71 -3.84 -23.92
CA LYS D 19 41.72 -4.24 -24.89
C LYS D 19 41.41 -5.63 -25.43
N LYS D 20 41.84 -5.89 -26.68
CA LYS D 20 41.70 -7.17 -27.36
C LYS D 20 43.09 -7.70 -27.70
N GLU D 21 43.33 -8.98 -27.41
CA GLU D 21 44.61 -9.61 -27.73
C GLU D 21 44.37 -10.88 -28.52
N GLU D 22 45.12 -11.06 -29.60
CA GLU D 22 45.04 -12.28 -30.40
C GLU D 22 46.32 -13.08 -30.21
N VAL D 23 46.16 -14.38 -29.93
CA VAL D 23 47.28 -15.28 -29.63
C VAL D 23 47.27 -16.42 -30.62
N ILE D 24 48.39 -16.59 -31.33
CA ILE D 24 48.55 -17.67 -32.31
C ILE D 24 48.91 -18.96 -31.57
N ARG D 25 48.24 -20.06 -31.93
CA ARG D 25 48.56 -21.32 -31.28
C ARG D 25 49.91 -21.83 -31.79
N LYS D 26 50.79 -22.18 -30.85
CA LYS D 26 52.20 -22.43 -31.12
C LYS D 26 52.54 -23.90 -31.35
N SER D 27 51.65 -24.81 -30.92
CA SER D 27 51.94 -26.24 -31.03
C SER D 27 50.64 -27.01 -31.16
N GLY D 28 50.76 -28.31 -31.48
CA GLY D 28 49.59 -29.16 -31.62
C GLY D 28 49.00 -29.16 -33.02
N LEU D 29 47.86 -29.86 -33.16
CA LEU D 29 47.21 -29.97 -34.47
C LEU D 29 46.68 -28.63 -34.94
N SER D 30 46.18 -27.80 -34.00
CA SER D 30 45.63 -26.49 -34.31
C SER D 30 46.69 -25.39 -34.30
N ALA D 31 47.97 -25.75 -34.36
CA ALA D 31 48.98 -24.73 -34.49
C ALA D 31 48.71 -23.88 -35.73
N GLY D 32 48.72 -22.57 -35.55
CA GLY D 32 48.41 -21.68 -36.64
C GLY D 32 47.08 -20.99 -36.46
N LYS D 33 46.09 -21.70 -35.92
CA LYS D 33 44.85 -21.03 -35.55
C LYS D 33 45.12 -20.06 -34.41
N SER D 34 44.23 -19.08 -34.26
CA SER D 34 44.41 -18.05 -33.26
C SER D 34 43.20 -17.96 -32.33
N ASP D 35 43.47 -17.60 -31.08
CA ASP D 35 42.44 -17.36 -30.07
C ASP D 35 42.38 -15.87 -29.76
N VAL D 36 41.16 -15.36 -29.60
CA VAL D 36 40.94 -13.96 -29.29
C VAL D 36 40.54 -13.86 -27.83
N TYR D 37 41.10 -12.86 -27.12
CA TYR D 37 40.84 -12.59 -25.71
C TYR D 37 40.56 -11.11 -25.50
N TYR D 38 39.72 -10.82 -24.52
CA TYR D 38 39.42 -9.45 -24.13
C TYR D 38 39.83 -9.15 -22.68
N PHE D 39 40.12 -7.87 -22.43
CA PHE D 39 40.64 -7.44 -21.14
C PHE D 39 39.87 -6.23 -20.63
N SER D 40 39.34 -6.36 -19.41
CA SER D 40 38.64 -5.27 -18.75
C SER D 40 39.65 -4.23 -18.23
N PRO D 41 39.18 -3.05 -17.86
CA PRO D 41 40.10 -2.06 -17.27
C PRO D 41 40.89 -2.58 -16.06
N SER D 42 40.23 -3.30 -15.13
CA SER D 42 40.91 -3.97 -14.02
C SER D 42 41.83 -5.09 -14.47
N GLY D 43 41.76 -5.51 -15.73
CA GLY D 43 42.59 -6.60 -16.19
C GLY D 43 41.94 -7.96 -16.23
N LYS D 44 40.62 -8.04 -15.98
CA LYS D 44 39.91 -9.31 -16.06
C LYS D 44 39.91 -9.82 -17.51
N LYS D 45 40.08 -11.13 -17.66
CA LYS D 45 40.24 -11.78 -18.97
C LYS D 45 38.97 -12.49 -19.40
N PHE D 46 38.51 -12.23 -20.64
CA PHE D 46 37.32 -12.88 -21.18
C PHE D 46 37.66 -13.56 -22.50
N ARG D 47 37.03 -14.70 -22.74
CA ARG D 47 37.43 -15.47 -23.90
C ARG D 47 36.24 -15.95 -24.73
N SER D 48 35.07 -15.36 -24.52
CA SER D 48 33.90 -15.69 -25.30
C SER D 48 32.91 -14.53 -25.19
N LYS D 49 32.13 -14.37 -26.24
CA LYS D 49 31.10 -13.33 -26.26
C LYS D 49 30.03 -13.54 -25.17
N PRO D 50 29.55 -14.77 -24.90
CA PRO D 50 28.69 -14.95 -23.71
C PRO D 50 29.36 -14.53 -22.42
N GLN D 51 30.62 -14.91 -22.18
CA GLN D 51 31.31 -14.39 -21.00
C GLN D 51 31.20 -12.88 -20.95
N LEU D 52 31.61 -12.24 -22.05
CA LEU D 52 31.66 -10.79 -22.11
C LEU D 52 30.29 -10.17 -21.90
N ALA D 53 29.26 -10.80 -22.47
CA ALA D 53 27.89 -10.28 -22.34
C ALA D 53 27.43 -10.34 -20.89
N ARG D 54 27.69 -11.47 -20.23
CA ARG D 54 27.34 -11.62 -18.83
C ARG D 54 27.97 -10.53 -17.97
N TYR D 55 29.18 -10.10 -18.31
CA TYR D 55 29.90 -9.15 -17.47
C TYR D 55 29.52 -7.71 -17.74
N LEU D 56 29.24 -7.37 -19.01
CA LEU D 56 28.86 -6.00 -19.33
C LEU D 56 27.37 -5.73 -19.19
N GLY D 57 26.53 -6.77 -19.24
CA GLY D 57 25.09 -6.61 -19.19
C GLY D 57 24.53 -5.52 -20.07
N ASN D 58 23.73 -4.61 -19.49
CA ASN D 58 23.04 -3.57 -20.23
C ASN D 58 23.92 -2.36 -20.50
N THR D 59 25.24 -2.48 -20.30
CA THR D 59 26.16 -1.38 -20.59
C THR D 59 26.29 -1.11 -22.08
N VAL D 60 26.30 -2.16 -22.91
CA VAL D 60 26.48 -2.01 -24.35
C VAL D 60 25.85 -3.19 -25.06
N ASP D 61 25.15 -2.92 -26.16
CA ASP D 61 24.51 -3.96 -26.95
C ASP D 61 25.57 -4.65 -27.79
N LEU D 62 25.86 -5.91 -27.46
CA LEU D 62 26.82 -6.71 -28.20
C LEU D 62 26.14 -7.62 -29.21
N SER D 63 24.92 -7.28 -29.66
CA SER D 63 24.25 -8.11 -30.65
C SER D 63 25.01 -8.10 -31.98
N SER D 64 25.34 -6.92 -32.48
CA SER D 64 26.13 -6.78 -33.69
C SER D 64 27.65 -6.87 -33.44
N PHE D 65 28.10 -7.27 -32.25
CA PHE D 65 29.52 -7.23 -31.93
C PHE D 65 30.21 -8.52 -32.38
N ASP D 66 31.13 -8.38 -33.32
CA ASP D 66 31.87 -9.52 -33.85
C ASP D 66 33.09 -9.76 -32.96
N PHE D 67 33.11 -10.90 -32.28
CA PHE D 67 34.12 -11.14 -31.24
C PHE D 67 35.53 -11.13 -31.81
N ARG D 68 35.71 -11.74 -32.98
CA ARG D 68 37.06 -11.88 -33.54
C ARG D 68 37.64 -10.53 -33.96
N THR D 69 36.83 -9.68 -34.56
CA THR D 69 37.30 -8.37 -35.04
C THR D 69 37.31 -7.30 -33.96
N GLY D 70 36.38 -7.36 -33.02
CA GLY D 70 36.23 -6.27 -32.06
C GLY D 70 35.49 -5.08 -32.61
N LYS D 71 34.57 -5.30 -33.55
CA LYS D 71 33.83 -4.23 -34.20
C LYS D 71 32.34 -4.56 -34.22
N MET D 72 31.53 -3.50 -34.18
CA MET D 72 30.08 -3.62 -34.29
C MET D 72 29.75 -3.78 -35.78
N MET D 73 29.34 -4.97 -36.20
CA MET D 73 29.05 -5.20 -37.60
C MET D 73 27.54 -5.25 -37.87
N PRO D 74 26.85 -4.09 -38.09
CA PRO D 74 25.45 -4.19 -38.53
C PRO D 74 25.33 -4.58 -39.99
N1 5CM E 6 35.26 -23.67 -24.39
C2 5CM E 6 36.06 -24.60 -25.08
N3 5CM E 6 37.12 -24.19 -25.82
C4 5CM E 6 37.44 -22.90 -25.90
C5 5CM E 6 36.61 -21.91 -25.16
C5A 5CM E 6 36.92 -20.45 -25.21
C6 5CM E 6 35.55 -22.37 -24.40
O2 5CM E 6 35.81 -25.82 -25.02
N4 5CM E 6 38.50 -22.49 -26.63
C1' 5CM E 6 34.15 -24.12 -23.55
C2' 5CM E 6 34.10 -23.36 -22.23
C3' 5CM E 6 32.75 -23.80 -21.74
C4' 5CM E 6 31.93 -23.94 -23.03
O4' 5CM E 6 32.85 -23.99 -24.14
O3' 5CM E 6 32.95 -25.13 -21.26
C5' 5CM E 6 30.94 -22.82 -23.28
O5' 5CM E 6 31.46 -21.60 -22.80
P 5CM E 6 30.85 -20.25 -23.42
OP1 5CM E 6 29.50 -19.93 -22.82
OP2 5CM E 6 31.97 -19.24 -23.26
N LYS G 7 13.85 18.02 -12.10
CA LYS G 7 14.46 18.18 -13.42
C LYS G 7 15.88 17.59 -13.39
N ARG G 8 16.57 17.63 -14.55
CA ARG G 8 17.95 17.14 -14.66
C ARG G 8 18.94 18.29 -14.45
N MET G 9 19.64 18.27 -13.31
CA MET G 9 20.66 19.27 -13.01
C MET G 9 22.03 18.76 -13.45
N ASP G 10 22.92 19.68 -13.82
CA ASP G 10 24.28 19.31 -14.20
C ASP G 10 25.03 18.76 -12.99
N CYS G 11 26.03 17.92 -13.27
CA CYS G 11 26.86 17.29 -12.25
C CYS G 11 28.33 17.57 -12.56
N PRO G 12 28.93 18.58 -11.94
CA PRO G 12 30.30 18.97 -12.32
C PRO G 12 31.35 17.94 -11.97
N ALA G 13 31.09 17.04 -11.03
CA ALA G 13 32.09 16.03 -10.67
C ALA G 13 32.35 15.03 -11.78
N LEU G 14 31.46 14.93 -12.77
CA LEU G 14 31.62 14.00 -13.87
C LEU G 14 32.05 14.75 -15.14
N PRO G 15 32.51 14.02 -16.16
CA PRO G 15 32.92 14.65 -17.43
C PRO G 15 31.83 15.54 -18.00
N PRO G 16 32.19 16.50 -18.85
CA PRO G 16 31.21 17.47 -19.36
C PRO G 16 30.04 16.80 -20.05
N GLY G 17 28.83 17.24 -19.69
CA GLY G 17 27.59 16.73 -20.25
C GLY G 17 26.80 15.74 -19.40
N TRP G 18 27.32 15.32 -18.25
CA TRP G 18 26.58 14.39 -17.38
C TRP G 18 25.59 15.14 -16.51
N LYS G 19 24.41 14.57 -16.34
CA LYS G 19 23.35 15.20 -15.56
C LYS G 19 22.87 14.27 -14.45
N LYS G 20 22.42 14.88 -13.35
CA LYS G 20 21.92 14.19 -12.17
C LYS G 20 20.48 14.59 -11.89
N GLU G 21 19.61 13.61 -11.63
CA GLU G 21 18.21 13.85 -11.32
C GLU G 21 17.81 13.05 -10.09
N GLU G 22 17.12 13.69 -9.15
CA GLU G 22 16.60 13.03 -7.96
C GLU G 22 15.09 12.94 -8.05
N VAL G 23 14.52 11.78 -7.73
CA VAL G 23 13.09 11.56 -7.87
C VAL G 23 12.53 11.10 -6.53
N ILE G 24 11.54 11.85 -6.01
CA ILE G 24 10.86 11.53 -4.76
C ILE G 24 9.80 10.45 -5.00
N ARG G 25 9.79 9.42 -4.13
CA ARG G 25 8.80 8.35 -4.25
C ARG G 25 7.46 8.86 -3.76
N LYS G 26 6.42 8.67 -4.59
CA LYS G 26 5.14 9.34 -4.38
C LYS G 26 4.12 8.48 -3.64
N SER G 27 4.32 7.16 -3.60
CA SER G 27 3.34 6.26 -3.01
C SER G 27 4.04 5.03 -2.46
N GLY G 28 3.29 4.18 -1.77
CA GLY G 28 3.86 3.00 -1.19
C GLY G 28 4.41 3.20 0.21
N LEU G 29 5.03 2.13 0.73
CA LEU G 29 5.59 2.23 2.08
C LEU G 29 6.79 3.18 2.12
N SER G 30 7.58 3.22 1.04
CA SER G 30 8.73 4.10 1.00
C SER G 30 8.40 5.48 0.45
N ALA G 31 7.12 5.82 0.36
CA ALA G 31 6.78 7.16 -0.09
C ALA G 31 7.57 8.16 0.72
N GLY G 32 8.23 9.08 0.02
CA GLY G 32 9.11 10.02 0.69
C GLY G 32 10.58 9.75 0.41
N LYS G 33 10.98 8.48 0.31
CA LYS G 33 12.34 8.17 -0.05
C LYS G 33 12.63 8.67 -1.46
N SER G 34 13.91 8.80 -1.79
CA SER G 34 14.28 9.30 -3.11
C SER G 34 15.20 8.32 -3.82
N ASP G 35 15.08 8.27 -5.14
CA ASP G 35 15.97 7.51 -6.01
C ASP G 35 16.77 8.47 -6.87
N VAL G 36 18.06 8.20 -7.02
CA VAL G 36 18.96 9.05 -7.81
C VAL G 36 19.28 8.36 -9.13
N TYR G 37 19.27 9.14 -10.23
CA TYR G 37 19.57 8.67 -11.58
C TYR G 37 20.56 9.63 -12.21
N TYR G 38 21.43 9.09 -13.08
CA TYR G 38 22.34 9.89 -13.89
C TYR G 38 22.05 9.69 -15.38
N PHE G 39 22.47 10.67 -16.18
CA PHE G 39 22.23 10.67 -17.63
C PHE G 39 23.51 11.00 -18.36
N SER G 40 23.92 10.12 -19.28
CA SER G 40 25.13 10.33 -20.07
C SER G 40 24.89 11.40 -21.14
N PRO G 41 25.96 11.97 -21.69
CA PRO G 41 25.78 12.91 -22.81
C PRO G 41 24.93 12.32 -23.92
N SER G 42 25.14 11.04 -24.26
CA SER G 42 24.21 10.43 -25.22
C SER G 42 22.79 10.39 -24.68
N GLY G 43 22.60 10.55 -23.37
CA GLY G 43 21.29 10.50 -22.77
C GLY G 43 20.92 9.19 -22.12
N LYS G 44 21.82 8.21 -22.06
CA LYS G 44 21.53 6.94 -21.39
C LYS G 44 21.36 7.19 -19.90
N LYS G 45 20.41 6.49 -19.30
CA LYS G 45 20.05 6.66 -17.90
C LYS G 45 20.74 5.58 -17.08
N PHE G 46 21.40 5.98 -15.98
CA PHE G 46 22.10 5.07 -15.09
C PHE G 46 21.53 5.19 -13.68
N ARG G 47 21.49 4.08 -12.95
CA ARG G 47 20.90 4.17 -11.62
C ARG G 47 21.72 3.50 -10.53
N SER G 48 23.01 3.24 -10.77
CA SER G 48 23.88 2.70 -9.73
C SER G 48 25.30 3.08 -10.07
N LYS G 49 26.14 3.20 -9.04
CA LYS G 49 27.56 3.47 -9.25
C LYS G 49 28.24 2.36 -10.05
N PRO G 50 27.97 1.07 -9.82
CA PRO G 50 28.54 0.05 -10.74
C PRO G 50 28.13 0.24 -12.18
N GLN G 51 26.84 0.47 -12.47
CA GLN G 51 26.44 0.79 -13.85
C GLN G 51 27.28 1.92 -14.41
N LEU G 52 27.44 2.98 -13.62
CA LEU G 52 28.21 4.14 -14.06
C LEU G 52 29.67 3.77 -14.31
N ALA G 53 30.22 2.90 -13.47
CA ALA G 53 31.62 2.51 -13.59
C ALA G 53 31.87 1.76 -14.89
N ARG G 54 31.00 0.81 -15.21
CA ARG G 54 31.16 0.06 -16.44
C ARG G 54 31.09 0.93 -17.69
N TYR G 55 30.30 2.00 -17.70
CA TYR G 55 30.12 2.77 -18.93
C TYR G 55 31.28 3.75 -19.17
N LEU G 56 31.85 4.31 -18.10
CA LEU G 56 32.95 5.25 -18.20
C LEU G 56 34.31 4.57 -18.27
N GLY G 57 34.40 3.31 -17.87
CA GLY G 57 35.68 2.62 -17.77
C GLY G 57 36.68 3.43 -16.97
N ASN G 58 37.91 3.56 -17.51
CA ASN G 58 39.02 4.17 -16.81
C ASN G 58 39.09 5.68 -16.98
N THR G 59 38.09 6.30 -17.63
CA THR G 59 38.11 7.74 -17.82
C THR G 59 37.95 8.47 -16.49
N VAL G 60 37.23 7.88 -15.55
CA VAL G 60 37.02 8.54 -14.27
C VAL G 60 36.95 7.50 -13.16
N ASP G 61 37.65 7.77 -12.07
CA ASP G 61 37.68 6.91 -10.90
C ASP G 61 36.53 7.27 -9.98
N LEU G 62 35.54 6.37 -9.87
CA LEU G 62 34.38 6.60 -9.02
C LEU G 62 34.53 5.92 -7.66
N SER G 63 35.75 5.67 -7.21
CA SER G 63 35.94 5.09 -5.88
C SER G 63 35.48 6.04 -4.78
N SER G 64 35.94 7.30 -4.82
CA SER G 64 35.52 8.31 -3.86
C SER G 64 34.22 9.03 -4.25
N PHE G 65 33.51 8.56 -5.28
CA PHE G 65 32.35 9.27 -5.78
C PHE G 65 31.09 8.86 -5.04
N ASP G 66 30.47 9.82 -4.36
CA ASP G 66 29.26 9.57 -3.59
C ASP G 66 28.06 9.62 -4.53
N PHE G 67 27.39 8.49 -4.70
CA PHE G 67 26.33 8.43 -5.71
C PHE G 67 25.19 9.39 -5.38
N ARG G 68 24.78 9.48 -4.12
CA ARG G 68 23.58 10.26 -3.82
C ARG G 68 23.79 11.74 -4.10
N THR G 69 24.93 12.31 -3.66
CA THR G 69 25.14 13.75 -3.87
C THR G 69 25.67 14.08 -5.26
N GLY G 70 26.47 13.20 -5.87
CA GLY G 70 27.12 13.55 -7.11
C GLY G 70 28.40 14.35 -6.94
N LYS G 71 29.15 14.11 -5.85
CA LYS G 71 30.39 14.82 -5.57
C LYS G 71 31.47 13.81 -5.17
N MET G 72 32.72 14.16 -5.50
CA MET G 72 33.89 13.36 -5.13
C MET G 72 34.27 13.62 -3.67
N MET G 73 33.94 12.68 -2.79
CA MET G 73 34.19 12.89 -1.36
C MET G 73 35.47 12.18 -0.92
N PRO G 74 36.55 12.91 -0.55
CA PRO G 74 37.72 12.35 0.14
C PRO G 74 37.36 11.59 1.41
N1 5CM H 6 18.13 -2.96 -8.00
C2 5CM H 6 17.05 -3.01 -7.12
N3 5CM H 6 16.46 -1.90 -6.66
C4 5CM H 6 16.90 -0.67 -7.04
C5 5CM H 6 18.05 -0.61 -7.96
C5A 5CM H 6 18.62 0.69 -8.43
C6 5CM H 6 18.61 -1.79 -8.41
O2 5CM H 6 16.62 -4.12 -6.78
N4 5CM H 6 16.33 0.46 -6.58
C1' 5CM H 6 18.74 -4.18 -8.48
C2' 5CM H 6 19.21 -4.10 -9.93
C3' 5CM H 6 20.06 -5.35 -10.01
C4' 5CM H 6 20.67 -5.43 -8.59
O4' 5CM H 6 19.91 -4.59 -7.72
O3' 5CM H 6 19.11 -6.42 -10.04
C5' 5CM H 6 22.14 -5.06 -8.51
O5' 5CM H 6 22.38 -4.05 -9.46
P 5CM H 6 23.68 -3.11 -9.37
OP1 5CM H 6 24.82 -3.90 -9.91
OP2 5CM H 6 23.38 -1.82 -10.09
N LYS J 7 -17.29 4.65 -5.69
CA LYS J 7 -17.31 3.36 -5.00
C LYS J 7 -18.18 3.39 -3.73
N ARG J 8 -19.27 4.16 -3.77
CA ARG J 8 -20.19 4.29 -2.64
C ARG J 8 -21.30 3.25 -2.74
N MET J 9 -21.30 2.27 -1.84
CA MET J 9 -22.32 1.23 -1.82
C MET J 9 -23.45 1.60 -0.88
N ASP J 10 -24.68 1.20 -1.23
CA ASP J 10 -25.82 1.46 -0.37
C ASP J 10 -25.70 0.67 0.92
N CYS J 11 -26.26 1.20 2.00
CA CYS J 11 -26.15 0.59 3.33
C CYS J 11 -27.53 0.41 3.96
N PRO J 12 -28.10 -0.78 3.84
CA PRO J 12 -29.49 -0.97 4.31
C PRO J 12 -29.63 -0.86 5.82
N ALA J 13 -28.56 -0.99 6.60
CA ALA J 13 -28.68 -0.89 8.06
C ALA J 13 -28.99 0.53 8.54
N LEU J 14 -28.76 1.53 7.69
CA LEU J 14 -29.04 2.93 7.97
C LEU J 14 -30.26 3.38 7.15
N PRO J 15 -30.83 4.55 7.48
CA PRO J 15 -32.01 5.07 6.72
C PRO J 15 -31.77 5.12 5.23
N PRO J 16 -32.84 5.12 4.42
CA PRO J 16 -32.69 5.05 2.97
C PRO J 16 -31.82 6.17 2.41
N GLY J 17 -30.86 5.79 1.57
CA GLY J 17 -29.95 6.71 0.93
C GLY J 17 -28.57 6.80 1.55
N TRP J 18 -28.34 6.14 2.69
CA TRP J 18 -27.01 6.17 3.30
C TRP J 18 -26.09 5.21 2.58
N LYS J 19 -24.85 5.65 2.36
CA LYS J 19 -23.86 4.90 1.61
C LYS J 19 -22.58 4.73 2.42
N LYS J 20 -21.85 3.65 2.15
CA LYS J 20 -20.57 3.36 2.78
C LYS J 20 -19.49 3.28 1.71
N GLU J 21 -18.36 3.94 1.95
CA GLU J 21 -17.25 3.94 1.00
C GLU J 21 -15.97 3.57 1.75
N GLU J 22 -15.18 2.68 1.15
CA GLU J 22 -13.89 2.26 1.70
C GLU J 22 -12.77 2.80 0.84
N VAL J 23 -11.73 3.36 1.47
CA VAL J 23 -10.61 4.00 0.79
C VAL J 23 -9.31 3.34 1.23
N ILE J 24 -8.55 2.80 0.27
CA ILE J 24 -7.26 2.18 0.54
C ILE J 24 -6.19 3.26 0.66
N ARG J 25 -5.36 3.17 1.70
CA ARG J 25 -4.30 4.14 1.89
C ARG J 25 -3.17 3.90 0.89
N LYS J 26 -2.75 4.97 0.23
CA LYS J 26 -1.90 4.85 -0.94
C LYS J 26 -0.42 5.00 -0.64
N SER J 27 -0.05 5.62 0.48
CA SER J 27 1.36 5.86 0.70
C SER J 27 1.64 5.93 2.19
N GLY J 28 2.91 5.91 2.53
CA GLY J 28 3.29 5.97 3.94
C GLY J 28 3.33 4.60 4.61
N LEU J 29 3.55 4.62 5.91
CA LEU J 29 3.69 3.36 6.64
C LEU J 29 2.36 2.59 6.72
N SER J 30 1.23 3.30 6.76
CA SER J 30 -0.07 2.65 6.82
C SER J 30 -0.63 2.33 5.43
N ALA J 31 0.21 2.42 4.40
CA ALA J 31 -0.21 2.08 3.06
C ALA J 31 -0.75 0.65 3.00
N GLY J 32 -1.95 0.51 2.44
CA GLY J 32 -2.60 -0.79 2.39
C GLY J 32 -3.78 -0.90 3.32
N LYS J 33 -3.68 -0.31 4.51
CA LYS J 33 -4.80 -0.25 5.43
C LYS J 33 -5.92 0.62 4.82
N SER J 34 -7.12 0.49 5.36
CA SER J 34 -8.26 1.21 4.82
C SER J 34 -8.91 2.09 5.86
N ASP J 35 -9.48 3.18 5.36
CA ASP J 35 -10.32 4.09 6.13
C ASP J 35 -11.74 3.95 5.62
N VAL J 36 -12.71 3.95 6.53
CA VAL J 36 -14.12 3.80 6.18
C VAL J 36 -14.84 5.11 6.38
N TYR J 37 -15.73 5.45 5.41
CA TYR J 37 -16.51 6.68 5.39
C TYR J 37 -17.98 6.38 5.09
N TYR J 38 -18.86 7.18 5.67
CA TYR J 38 -20.29 7.15 5.40
C TYR J 38 -20.76 8.50 4.86
N PHE J 39 -21.88 8.45 4.13
CA PHE J 39 -22.46 9.60 3.44
C PHE J 39 -23.95 9.67 3.71
N SER J 40 -24.42 10.83 4.20
CA SER J 40 -25.84 11.05 4.41
C SER J 40 -26.49 11.30 3.05
N PRO J 41 -27.83 11.25 2.98
CA PRO J 41 -28.49 11.58 1.71
C PRO J 41 -28.08 12.93 1.13
N SER J 42 -27.99 13.99 1.93
CA SER J 42 -27.48 15.28 1.43
C SER J 42 -26.02 15.20 0.98
N GLY J 43 -25.29 14.15 1.36
CA GLY J 43 -23.89 14.02 1.00
C GLY J 43 -22.88 14.37 2.07
N LYS J 44 -23.32 14.65 3.30
CA LYS J 44 -22.40 14.92 4.40
C LYS J 44 -21.60 13.66 4.76
N LYS J 45 -20.30 13.82 4.98
CA LYS J 45 -19.39 12.70 5.17
C LYS J 45 -19.06 12.49 6.64
N PHE J 46 -19.14 11.23 7.09
CA PHE J 46 -18.86 10.85 8.46
C PHE J 46 -17.73 9.84 8.47
N ARG J 47 -16.86 9.92 9.48
CA ARG J 47 -15.69 9.07 9.50
C ARG J 47 -15.48 8.37 10.84
N SER J 48 -16.51 8.34 11.70
CA SER J 48 -16.42 7.64 12.96
C SER J 48 -17.83 7.33 13.45
N LYS J 49 -17.94 6.28 14.27
CA LYS J 49 -19.22 5.93 14.87
C LYS J 49 -19.77 7.03 15.78
N PRO J 50 -18.97 7.72 16.62
CA PRO J 50 -19.49 8.89 17.35
C PRO J 50 -19.96 10.03 16.45
N GLN J 51 -19.19 10.40 15.40
CA GLN J 51 -19.72 11.38 14.45
C GLN J 51 -21.10 10.97 13.97
N LEU J 52 -21.21 9.71 13.51
CA LEU J 52 -22.47 9.21 12.98
C LEU J 52 -23.58 9.23 14.01
N ALA J 53 -23.27 8.84 15.26
CA ALA J 53 -24.26 8.79 16.31
C ALA J 53 -24.81 10.17 16.64
N ARG J 54 -23.92 11.17 16.74
CA ARG J 54 -24.34 12.55 17.00
C ARG J 54 -25.30 13.07 15.93
N TYR J 55 -25.16 12.62 14.69
CA TYR J 55 -26.00 13.14 13.61
C TYR J 55 -27.35 12.43 13.56
N LEU J 56 -27.37 11.12 13.82
CA LEU J 56 -28.64 10.42 13.77
C LEU J 56 -29.41 10.47 15.08
N GLY J 57 -28.73 10.71 16.21
CA GLY J 57 -29.39 10.71 17.51
C GLY J 57 -30.29 9.52 17.78
N ASN J 58 -31.55 9.80 18.14
CA ASN J 58 -32.54 8.78 18.51
C ASN J 58 -33.19 8.13 17.28
N THR J 59 -32.71 8.43 16.08
CA THR J 59 -33.29 7.84 14.87
C THR J 59 -33.01 6.35 14.78
N VAL J 60 -31.81 5.93 15.15
CA VAL J 60 -31.39 4.53 15.05
C VAL J 60 -30.31 4.29 16.09
N ASP J 61 -30.43 3.17 16.79
CA ASP J 61 -29.45 2.76 17.80
C ASP J 61 -28.27 2.10 17.10
N LEU J 62 -27.11 2.74 17.15
CA LEU J 62 -25.90 2.23 16.53
C LEU J 62 -25.04 1.46 17.50
N SER J 63 -25.65 0.97 18.58
CA SER J 63 -24.91 0.21 19.58
C SER J 63 -24.38 -1.10 19.00
N SER J 64 -25.25 -1.88 18.36
CA SER J 64 -24.81 -3.11 17.72
C SER J 64 -24.24 -2.89 16.32
N PHE J 65 -24.01 -1.64 15.92
CA PHE J 65 -23.62 -1.31 14.56
C PHE J 65 -22.12 -1.41 14.40
N ASP J 66 -21.68 -2.31 13.51
CA ASP J 66 -20.25 -2.50 13.22
C ASP J 66 -19.87 -1.50 12.14
N PHE J 67 -19.02 -0.54 12.49
CA PHE J 67 -18.72 0.59 11.60
C PHE J 67 -18.03 0.12 10.32
N ARG J 68 -17.11 -0.83 10.43
CA ARG J 68 -16.33 -1.24 9.27
C ARG J 68 -17.19 -1.97 8.23
N THR J 69 -18.03 -2.91 8.68
CA THR J 69 -18.86 -3.68 7.74
C THR J 69 -20.15 -2.96 7.36
N GLY J 70 -20.71 -2.14 8.24
CA GLY J 70 -22.01 -1.53 8.00
C GLY J 70 -23.18 -2.44 8.32
N LYS J 71 -23.04 -3.32 9.31
CA LYS J 71 -24.07 -4.29 9.64
C LYS J 71 -24.32 -4.30 11.16
N MET J 72 -25.54 -4.63 11.56
CA MET J 72 -25.86 -4.76 12.97
C MET J 72 -25.35 -6.11 13.47
N MET J 73 -24.19 -6.09 14.13
CA MET J 73 -23.55 -7.31 14.56
C MET J 73 -23.84 -7.51 16.04
N1 5CM K 6 -9.14 11.14 14.48
C2 5CM K 6 -7.81 10.81 14.19
N3 5CM K 6 -7.50 10.01 13.15
C4 5CM K 6 -8.48 9.53 12.38
C5 5CM K 6 -9.88 9.89 12.66
C5A 5CM K 6 -10.99 9.38 11.80
C6 5CM K 6 -10.15 10.73 13.73
O2 5CM K 6 -6.91 11.26 14.93
N4 5CM K 6 -8.18 8.74 11.34
C1' 5CM K 6 -9.39 12.02 15.61
C2' 5CM K 6 -10.49 13.03 15.33
C3' 5CM K 6 -10.72 13.52 16.72
C4' 5CM K 6 -10.50 12.28 17.58
O4' 5CM K 6 -9.78 11.31 16.79
O3' 5CM K 6 -9.60 14.36 17.00
C5' 5CM K 6 -11.80 11.66 18.09
O5' 5CM K 6 -12.84 11.79 17.12
P 5CM K 6 -14.09 10.80 17.30
OP1 5CM K 6 -14.99 11.34 18.39
OP2 5CM K 6 -14.70 10.60 15.95
N LYS M 7 -57.75 9.50 18.56
CA LYS M 7 -56.95 8.32 18.26
C LYS M 7 -55.98 8.64 17.15
N ARG M 8 -55.35 7.59 16.60
CA ARG M 8 -54.40 7.69 15.50
C ARG M 8 -55.14 7.54 14.16
N MET M 9 -55.16 8.62 13.38
CA MET M 9 -55.73 8.63 12.04
C MET M 9 -54.64 8.42 11.00
N ASP M 10 -55.00 7.82 9.87
CA ASP M 10 -54.07 7.59 8.76
C ASP M 10 -53.60 8.92 8.16
N CYS M 11 -52.42 8.89 7.53
CA CYS M 11 -51.85 10.07 6.89
C CYS M 11 -51.48 9.73 5.44
N PRO M 12 -52.36 10.05 4.48
CA PRO M 12 -52.09 9.62 3.09
C PRO M 12 -50.94 10.36 2.42
N ALA M 13 -50.59 11.56 2.89
CA ALA M 13 -49.50 12.32 2.29
C ALA M 13 -48.12 11.67 2.47
N LEU M 14 -48.01 10.69 3.37
CA LEU M 14 -46.82 9.91 3.63
C LEU M 14 -46.97 8.50 3.06
N PRO M 15 -45.88 7.74 2.98
CA PRO M 15 -45.96 6.34 2.50
C PRO M 15 -47.02 5.56 3.26
N PRO M 16 -47.55 4.49 2.66
CA PRO M 16 -48.66 3.75 3.30
C PRO M 16 -48.30 3.24 4.69
N GLY M 17 -49.25 3.39 5.61
CA GLY M 17 -49.09 2.92 6.97
C GLY M 17 -48.73 3.96 7.99
N TRP M 18 -48.47 5.20 7.59
CA TRP M 18 -48.17 6.27 8.52
C TRP M 18 -49.45 6.86 9.11
N LYS M 19 -49.40 7.20 10.40
CA LYS M 19 -50.54 7.75 11.11
C LYS M 19 -50.19 9.09 11.76
N LYS M 20 -51.18 9.97 11.87
CA LYS M 20 -51.03 11.27 12.51
C LYS M 20 -51.97 11.34 13.71
N GLU M 21 -51.45 11.79 14.85
CA GLU M 21 -52.27 11.95 16.04
C GLU M 21 -52.05 13.34 16.63
N GLU M 22 -53.15 14.01 16.96
CA GLU M 22 -53.13 15.32 17.59
C GLU M 22 -53.58 15.21 19.03
N VAL M 23 -52.85 15.86 19.94
CA VAL M 23 -53.12 15.80 21.37
C VAL M 23 -53.28 17.22 21.91
N ILE M 24 -54.44 17.51 22.52
CA ILE M 24 -54.66 18.82 23.14
C ILE M 24 -54.00 18.86 24.52
N ARG M 25 -53.28 19.95 24.81
CA ARG M 25 -52.63 20.08 26.11
C ARG M 25 -53.65 20.39 27.22
N LYS M 26 -53.54 19.66 28.33
CA LYS M 26 -54.59 19.64 29.32
C LYS M 26 -54.40 20.62 30.48
N SER M 27 -53.18 21.06 30.74
CA SER M 27 -52.95 21.91 31.91
C SER M 27 -51.79 22.86 31.64
N GLY M 28 -51.61 23.81 32.56
CA GLY M 28 -50.52 24.76 32.44
C GLY M 28 -50.89 25.98 31.58
N LEU M 29 -49.89 26.83 31.34
CA LEU M 29 -50.15 28.02 30.54
C LEU M 29 -50.47 27.68 29.08
N SER M 30 -49.88 26.60 28.55
CA SER M 30 -50.17 26.21 27.17
C SER M 30 -51.37 25.26 27.07
N ALA M 31 -52.18 25.18 28.12
CA ALA M 31 -53.41 24.41 28.05
C ALA M 31 -54.26 24.87 26.89
N GLY M 32 -54.73 23.95 26.05
CA GLY M 32 -55.51 24.30 24.89
C GLY M 32 -54.72 24.13 23.61
N LYS M 33 -53.41 24.43 23.67
CA LYS M 33 -52.52 24.23 22.54
C LYS M 33 -52.46 22.75 22.17
N SER M 34 -51.98 22.46 20.98
CA SER M 34 -51.98 21.09 20.48
C SER M 34 -50.59 20.64 20.07
N ASP M 35 -50.30 19.37 20.29
CA ASP M 35 -49.08 18.73 19.83
C ASP M 35 -49.43 17.69 18.78
N VAL M 36 -48.65 17.65 17.70
CA VAL M 36 -48.89 16.69 16.63
C VAL M 36 -47.78 15.66 16.65
N TYR M 37 -48.16 14.38 16.49
CA TYR M 37 -47.26 13.25 16.53
C TYR M 37 -47.52 12.37 15.32
N TYR M 38 -46.46 11.73 14.81
CA TYR M 38 -46.57 10.78 13.72
C TYR M 38 -46.04 9.41 14.13
N PHE M 39 -46.58 8.36 13.50
CA PHE M 39 -46.25 6.98 13.84
C PHE M 39 -45.92 6.25 12.55
N SER M 40 -44.71 5.70 12.48
CA SER M 40 -44.26 4.90 11.36
C SER M 40 -44.90 3.52 11.41
N PRO M 41 -44.85 2.77 10.31
CA PRO M 41 -45.44 1.41 10.33
C PRO M 41 -45.02 0.54 11.52
N SER M 42 -43.76 0.54 11.92
CA SER M 42 -43.35 -0.19 13.12
C SER M 42 -43.94 0.37 14.41
N GLY M 43 -44.51 1.58 14.39
CA GLY M 43 -45.02 2.18 15.61
C GLY M 43 -44.09 3.18 16.27
N LYS M 44 -42.99 3.57 15.61
CA LYS M 44 -42.09 4.58 16.14
C LYS M 44 -42.79 5.93 16.15
N LYS M 45 -42.62 6.68 17.24
CA LYS M 45 -43.29 7.95 17.40
C LYS M 45 -42.33 9.09 17.09
N PHE M 46 -42.75 9.99 16.22
CA PHE M 46 -41.94 11.12 15.81
C PHE M 46 -42.67 12.40 16.17
N ARG M 47 -41.92 13.44 16.51
CA ARG M 47 -42.63 14.65 16.88
C ARG M 47 -42.06 15.92 16.26
N SER M 48 -41.26 15.79 15.21
CA SER M 48 -40.71 16.95 14.53
C SER M 48 -40.40 16.57 13.10
N LYS M 49 -40.46 17.56 12.22
CA LYS M 49 -40.13 17.30 10.82
C LYS M 49 -38.70 16.81 10.65
N PRO M 50 -37.70 17.33 11.37
CA PRO M 50 -36.35 16.73 11.26
C PRO M 50 -36.30 15.28 11.63
N GLN M 51 -36.86 14.91 12.79
CA GLN M 51 -36.92 13.50 13.16
C GLN M 51 -37.47 12.68 12.00
N LEU M 52 -38.57 13.14 11.42
CA LEU M 52 -39.24 12.41 10.36
C LEU M 52 -38.35 12.27 9.13
N ALA M 53 -37.62 13.35 8.79
CA ALA M 53 -36.71 13.37 7.64
C ALA M 53 -35.52 12.44 7.84
N ARG M 54 -34.91 12.46 9.03
CA ARG M 54 -33.80 11.56 9.31
C ARG M 54 -34.20 10.10 9.12
N TYR M 55 -35.46 9.78 9.39
CA TYR M 55 -35.91 8.39 9.37
C TYR M 55 -36.32 7.89 7.98
N LEU M 56 -36.90 8.74 7.13
CA LEU M 56 -37.31 8.32 5.80
C LEU M 56 -36.20 8.45 4.77
N GLY M 57 -35.21 9.30 5.04
CA GLY M 57 -34.19 9.65 4.04
C GLY M 57 -34.79 10.09 2.72
N ASN M 58 -34.26 9.54 1.62
CA ASN M 58 -34.62 10.01 0.29
C ASN M 58 -35.90 9.39 -0.28
N THR M 59 -36.68 8.64 0.51
CA THR M 59 -37.93 8.07 -0.04
C THR M 59 -38.96 9.15 -0.30
N VAL M 60 -38.97 10.23 0.47
CA VAL M 60 -39.95 11.29 0.28
C VAL M 60 -39.31 12.61 0.67
N ASP M 61 -39.57 13.64 -0.14
CA ASP M 61 -39.09 14.99 0.13
C ASP M 61 -40.12 15.66 1.02
N LEU M 62 -39.75 15.92 2.27
CA LEU M 62 -40.63 16.57 3.22
C LEU M 62 -40.41 18.09 3.26
N SER M 63 -39.93 18.66 2.15
CA SER M 63 -39.74 20.10 2.04
C SER M 63 -41.07 20.86 2.04
N SER M 64 -41.99 20.46 1.14
CA SER M 64 -43.32 21.07 1.05
C SER M 64 -44.32 20.45 2.03
N PHE M 65 -43.87 19.57 2.93
CA PHE M 65 -44.77 18.87 3.84
C PHE M 65 -44.96 19.71 5.10
N ASP M 66 -46.19 20.17 5.32
CA ASP M 66 -46.51 20.96 6.51
C ASP M 66 -46.80 20.04 7.67
N PHE M 67 -45.96 20.13 8.71
CA PHE M 67 -46.01 19.17 9.82
C PHE M 67 -47.35 19.20 10.54
N ARG M 68 -47.92 20.38 10.79
CA ARG M 68 -49.10 20.43 11.66
C ARG M 68 -50.32 19.77 11.00
N THR M 69 -50.58 20.05 9.73
CA THR M 69 -51.73 19.42 9.08
C THR M 69 -51.39 18.02 8.56
N GLY M 70 -50.15 17.78 8.15
CA GLY M 70 -49.81 16.51 7.53
C GLY M 70 -50.14 16.41 6.06
N LYS M 71 -50.06 17.51 5.32
CA LYS M 71 -50.39 17.54 3.91
C LYS M 71 -49.27 18.24 3.15
N MET M 72 -49.12 17.87 1.89
CA MET M 72 -48.14 18.49 0.99
C MET M 72 -48.66 19.85 0.49
N MET M 73 -48.09 20.93 1.01
CA MET M 73 -48.52 22.29 0.67
C MET M 73 -47.63 22.92 -0.42
N PRO M 74 -48.19 23.17 -1.61
CA PRO M 74 -47.50 23.79 -2.75
N1 5CM N 6 -38.33 19.89 21.79
C2 5CM N 6 -38.94 20.70 22.77
N3 5CM N 6 -40.28 20.79 22.91
C4 5CM N 6 -41.09 20.09 22.11
C5 5CM N 6 -40.46 19.23 21.08
C5A 5CM N 6 -41.31 18.43 20.16
C6 5CM N 6 -39.09 19.16 20.97
O2 5CM N 6 -38.20 21.34 23.53
N4 5CM N 6 -42.44 20.14 22.22
C1' 5CM N 6 -36.86 19.84 21.72
C2' 5CM N 6 -36.31 18.44 21.38
C3' 5CM N 6 -34.87 18.79 21.05
C4' 5CM N 6 -34.99 20.20 20.41
O4' 5CM N 6 -36.29 20.74 20.74
O3' 5CM N 6 -34.22 19.10 22.28
C5' 5CM N 6 -34.77 20.25 18.92
O5' 5CM N 6 -35.23 19.03 18.37
P 5CM N 6 -35.59 18.93 16.83
OP1 5CM N 6 -34.29 18.78 16.07
OP2 5CM N 6 -36.68 17.89 16.71
N LYS P 7 67.97 -38.37 -25.92
CA LYS P 7 67.08 -39.52 -26.14
C LYS P 7 67.67 -40.56 -27.10
N ARG P 8 69.00 -40.59 -27.23
CA ARG P 8 69.70 -41.48 -28.15
C ARG P 8 70.04 -42.82 -27.49
N MET P 9 69.39 -43.91 -27.91
CA MET P 9 69.70 -45.26 -27.43
C MET P 9 70.65 -45.95 -28.41
N ASP P 10 71.52 -46.82 -27.88
CA ASP P 10 72.43 -47.59 -28.72
C ASP P 10 71.66 -48.57 -29.59
N CYS P 11 72.24 -48.92 -30.73
CA CYS P 11 71.61 -49.80 -31.71
C CYS P 11 72.52 -50.98 -32.05
N PRO P 12 72.32 -52.13 -31.42
CA PRO P 12 73.26 -53.26 -31.61
C PRO P 12 73.27 -53.84 -33.01
N ALA P 13 72.21 -53.61 -33.80
CA ALA P 13 72.23 -54.14 -35.17
C ALA P 13 73.26 -53.44 -36.04
N LEU P 14 73.73 -52.27 -35.60
CA LEU P 14 74.72 -51.48 -36.31
C LEU P 14 76.08 -51.58 -35.64
N PRO P 15 77.14 -51.12 -36.31
CA PRO P 15 78.50 -51.15 -35.73
C PRO P 15 78.57 -50.45 -34.38
N PRO P 16 79.54 -50.82 -33.55
CA PRO P 16 79.65 -50.25 -32.18
C PRO P 16 79.78 -48.73 -32.18
N GLY P 17 78.95 -48.10 -31.35
CA GLY P 17 78.86 -46.66 -31.20
C GLY P 17 77.68 -46.00 -31.92
N TRP P 18 76.93 -46.74 -32.74
CA TRP P 18 75.78 -46.15 -33.42
C TRP P 18 74.61 -46.06 -32.45
N LYS P 19 73.85 -44.97 -32.57
CA LYS P 19 72.72 -44.67 -31.69
C LYS P 19 71.47 -44.35 -32.48
N LYS P 20 70.31 -44.65 -31.90
CA LYS P 20 69.00 -44.39 -32.48
C LYS P 20 68.22 -43.43 -31.59
N GLU P 21 67.58 -42.42 -32.20
CA GLU P 21 66.74 -41.44 -31.53
C GLU P 21 65.43 -41.30 -32.28
N GLU P 22 64.31 -41.31 -31.55
CA GLU P 22 62.98 -41.08 -32.12
C GLU P 22 62.48 -39.72 -31.63
N VAL P 23 61.94 -38.90 -32.53
CA VAL P 23 61.51 -37.54 -32.17
C VAL P 23 60.03 -37.37 -32.51
N ILE P 24 59.24 -37.00 -31.52
CA ILE P 24 57.79 -36.79 -31.67
C ILE P 24 57.52 -35.42 -32.27
N ARG P 25 56.64 -35.38 -33.28
CA ARG P 25 56.29 -34.12 -33.92
C ARG P 25 55.37 -33.28 -33.02
N LYS P 26 55.72 -32.01 -32.89
CA LYS P 26 55.10 -31.16 -31.90
C LYS P 26 53.96 -30.32 -32.44
N SER P 27 53.91 -30.07 -33.75
CA SER P 27 52.87 -29.19 -34.26
C SER P 27 52.55 -29.54 -35.70
N GLY P 28 51.43 -29.00 -36.17
CA GLY P 28 50.96 -29.28 -37.51
C GLY P 28 50.07 -30.52 -37.59
N LEU P 29 49.64 -30.81 -38.82
CA LEU P 29 48.71 -31.92 -39.05
C LEU P 29 49.32 -33.27 -38.70
N SER P 30 50.65 -33.39 -38.82
CA SER P 30 51.36 -34.61 -38.45
C SER P 30 51.84 -34.63 -36.99
N ALA P 31 51.39 -33.69 -36.14
CA ALA P 31 51.74 -33.75 -34.72
C ALA P 31 51.29 -35.07 -34.10
N GLY P 32 52.19 -35.72 -33.37
CA GLY P 32 51.90 -37.03 -32.80
C GLY P 32 52.69 -38.13 -33.50
N LYS P 33 52.84 -38.05 -34.82
CA LYS P 33 53.70 -38.99 -35.52
C LYS P 33 55.16 -38.77 -35.10
N SER P 34 55.99 -39.77 -35.36
CA SER P 34 57.39 -39.72 -34.95
C SER P 34 58.35 -39.91 -36.11
N ASP P 35 59.50 -39.27 -35.98
CA ASP P 35 60.59 -39.42 -36.92
C ASP P 35 61.75 -40.15 -36.25
N VAL P 36 62.38 -41.06 -36.97
CA VAL P 36 63.53 -41.80 -36.45
C VAL P 36 64.78 -41.28 -37.13
N TYR P 37 65.83 -41.10 -36.32
CA TYR P 37 67.13 -40.61 -36.74
C TYR P 37 68.20 -41.54 -36.19
N TYR P 38 69.29 -41.69 -36.94
CA TYR P 38 70.44 -42.44 -36.49
C TYR P 38 71.68 -41.56 -36.41
N PHE P 39 72.62 -41.97 -35.54
CA PHE P 39 73.84 -41.22 -35.27
C PHE P 39 75.05 -42.14 -35.35
N SER P 40 76.01 -41.75 -36.20
CA SER P 40 77.26 -42.46 -36.36
C SER P 40 78.15 -42.18 -35.15
N PRO P 41 79.23 -42.93 -34.98
CA PRO P 41 80.18 -42.61 -33.91
C PRO P 41 80.66 -41.16 -33.91
N SER P 42 81.09 -40.60 -35.06
CA SER P 42 81.48 -39.19 -35.08
C SER P 42 80.32 -38.25 -34.79
N GLY P 43 79.08 -38.73 -34.80
CA GLY P 43 77.96 -37.87 -34.53
C GLY P 43 77.20 -37.36 -35.74
N LYS P 44 77.52 -37.85 -36.95
CA LYS P 44 76.76 -37.49 -38.14
C LYS P 44 75.34 -38.07 -38.06
N LYS P 45 74.36 -37.29 -38.49
CA LYS P 45 72.94 -37.61 -38.36
C LYS P 45 72.39 -38.19 -39.67
N PHE P 46 71.67 -39.32 -39.59
CA PHE P 46 71.05 -39.97 -40.74
C PHE P 46 69.54 -40.09 -40.55
N ARG P 47 68.79 -39.93 -41.63
CA ARG P 47 67.35 -39.91 -41.44
C ARG P 47 66.59 -40.80 -42.42
N SER P 48 67.27 -41.71 -43.09
CA SER P 48 66.63 -42.63 -44.02
C SER P 48 67.53 -43.85 -44.22
N LYS P 49 66.91 -44.97 -44.54
CA LYS P 49 67.67 -46.20 -44.79
C LYS P 49 68.61 -46.08 -45.99
N PRO P 50 68.23 -45.46 -47.12
CA PRO P 50 69.21 -45.19 -48.19
C PRO P 50 70.36 -44.28 -47.76
N GLN P 51 70.07 -43.18 -47.06
CA GLN P 51 71.18 -42.41 -46.52
C GLN P 51 72.10 -43.35 -45.75
N LEU P 52 71.52 -44.13 -44.85
CA LEU P 52 72.31 -45.00 -44.00
C LEU P 52 73.08 -46.02 -44.83
N ALA P 53 72.43 -46.56 -45.87
CA ALA P 53 73.06 -47.57 -46.70
C ALA P 53 74.25 -47.00 -47.46
N ARG P 54 74.08 -45.84 -48.06
CA ARG P 54 75.19 -45.19 -48.76
C ARG P 54 76.39 -44.94 -47.85
N TYR P 55 76.18 -44.68 -46.55
CA TYR P 55 77.33 -44.35 -45.69
C TYR P 55 78.04 -45.60 -45.17
N LEU P 56 77.28 -46.66 -44.88
CA LEU P 56 77.89 -47.89 -44.38
C LEU P 56 78.35 -48.80 -45.51
N GLY P 57 77.74 -48.66 -46.70
CA GLY P 57 78.00 -49.54 -47.83
C GLY P 57 78.00 -51.01 -47.47
N ASN P 58 79.10 -51.67 -47.82
CA ASN P 58 79.32 -53.10 -47.66
C ASN P 58 79.70 -53.50 -46.24
N THR P 59 79.64 -52.56 -45.29
CA THR P 59 79.96 -52.88 -43.90
C THR P 59 78.91 -53.78 -43.27
N VAL P 60 77.64 -53.56 -43.59
CA VAL P 60 76.53 -54.34 -43.04
C VAL P 60 75.39 -54.32 -44.04
N ASP P 61 74.75 -55.48 -44.26
CA ASP P 61 73.62 -55.59 -45.18
C ASP P 61 72.35 -55.14 -44.46
N LEU P 62 71.80 -54.00 -44.88
CA LEU P 62 70.60 -53.47 -44.25
C LEU P 62 69.33 -53.81 -45.01
N SER P 63 69.34 -54.88 -45.81
CA SER P 63 68.14 -55.26 -46.54
C SER P 63 67.03 -55.68 -45.60
N SER P 64 67.33 -56.58 -44.65
CA SER P 64 66.36 -56.99 -43.64
C SER P 64 66.28 -56.03 -42.45
N PHE P 65 66.94 -54.88 -42.52
CA PHE P 65 67.07 -53.95 -41.40
C PHE P 65 65.87 -53.03 -41.34
N ASP P 66 65.11 -53.12 -40.25
CA ASP P 66 63.90 -52.33 -40.11
C ASP P 66 64.25 -50.96 -39.53
N PHE P 67 64.09 -49.92 -40.35
CA PHE P 67 64.61 -48.60 -39.96
C PHE P 67 63.96 -48.09 -38.68
N ARG P 68 62.64 -48.26 -38.56
CA ARG P 68 61.94 -47.62 -37.44
C ARG P 68 62.34 -48.24 -36.10
N THR P 69 62.38 -49.57 -36.03
CA THR P 69 62.71 -50.24 -34.77
C THR P 69 64.20 -50.33 -34.55
N GLY P 70 64.99 -50.43 -35.61
CA GLY P 70 66.42 -50.63 -35.48
C GLY P 70 66.86 -52.06 -35.23
N LYS P 71 66.14 -53.03 -35.77
CA LYS P 71 66.43 -54.43 -35.54
C LYS P 71 66.47 -55.15 -36.89
N MET P 72 67.28 -56.20 -36.97
CA MET P 72 67.34 -57.01 -38.18
C MET P 72 66.14 -57.96 -38.19
N MET P 73 65.16 -57.66 -39.05
CA MET P 73 63.92 -58.43 -39.11
C MET P 73 63.85 -59.39 -40.30
N PRO P 74 64.31 -60.65 -40.16
CA PRO P 74 63.91 -61.69 -41.13
C PRO P 74 62.39 -61.77 -41.37
N1 5CM Q 6 62.40 -36.46 -47.44
C2 5CM Q 6 61.20 -35.81 -47.10
N3 5CM Q 6 60.71 -35.85 -45.84
C4 5CM Q 6 61.38 -36.50 -44.90
C5 5CM Q 6 62.66 -37.17 -45.24
C5A 5CM Q 6 63.45 -37.92 -44.21
C6 5CM Q 6 63.12 -37.11 -46.54
O2 5CM Q 6 60.56 -35.20 -47.99
N4 5CM Q 6 60.93 -36.56 -43.63
C1' 5CM Q 6 62.89 -36.37 -48.81
C2' 5CM Q 6 64.40 -36.20 -48.86
C3' 5CM Q 6 64.66 -36.46 -50.32
C4' 5CM Q 6 63.58 -37.50 -50.67
O4' 5CM Q 6 62.60 -37.50 -49.63
O3' 5CM Q 6 64.27 -35.28 -51.00
C5' 5CM Q 6 64.17 -38.89 -50.85
O5' 5CM Q 6 65.27 -39.07 -49.99
P 5CM Q 6 65.72 -40.58 -49.73
OP1 5CM Q 6 66.51 -41.00 -50.95
OP2 5CM Q 6 66.37 -40.68 -48.38
UNK UNX S . -74.54 21.22 61.46
UNK UNX T . -71.63 28.96 46.06
UNK UNX U . 37.01 -3.68 -14.63
UNK UNX V . 35.49 -19.60 -19.62
UNK UNX W . 27.51 9.33 -24.32
UNK UNX X . 19.25 -1.99 -14.04
UNK UNX Y . -13.26 14.89 12.51
UNK UNX Z . -28.84 14.75 4.99
UNK UNX AA . -37.37 13.96 20.83
UNK UNX BA . -40.88 0.99 10.54
UNK UNX CA . 81.77 -41.67 -37.87
#